data_1BXX
#
_entry.id   1BXX
#
_cell.length_a   125.260
_cell.length_b   125.260
_cell.length_c   73.790
_cell.angle_alpha   90.00
_cell.angle_beta   90.00
_cell.angle_gamma   120.00
#
_symmetry.space_group_name_H-M   'P 64'
#
loop_
_entity.id
_entity.type
_entity.pdbx_description
1 polymer 'PROTEIN (AP50)'
2 polymer 'PROTEIN (TGN38 PEPTIDE)'
3 water water
#
loop_
_entity_poly.entity_id
_entity_poly.type
_entity_poly.pdbx_seq_one_letter_code
_entity_poly.pdbx_strand_id
1 'polypeptide(L)'
;MHHHHHHQIGWRREGIKYRRNELFLDVLESVNLLMSPQGQVLSAHVSGRVVMKSYLSGMPECKFGMNDKIVIEKQGKGTA
DETSKSGKQSIAIDDCTFHQCVRLSKFDSERSISFIPPDGEFELMRYRTTKDIILPFRVIPLVREVGRTKLEVKVVIKSN
FKPSLLAQKIEVRIPTPLNTSGVQVICMKGKAKYKASENAIVWKIKRMAGMKESQISAEIELLPTNDKKKWARPPISMNF
EVPFAPSGLKVRYLKVFEPKLNYSDHDVIKWVRYIGRSGIYETRC
;
A
2 'polypeptide(L)' DYQRLN P
#
# COMPACT_ATOMS: atom_id res chain seq x y z
N ILE A 9 -10.99 -16.99 -29.32
CA ILE A 9 -10.55 -16.05 -28.28
C ILE A 9 -9.72 -14.96 -28.90
N GLY A 10 -10.16 -13.71 -28.80
CA GLY A 10 -9.45 -12.60 -29.38
C GLY A 10 -8.29 -12.06 -28.57
N TRP A 11 -8.07 -12.52 -27.35
CA TRP A 11 -6.97 -12.03 -26.54
C TRP A 11 -5.87 -13.07 -26.39
N ARG A 12 -6.10 -14.28 -26.89
CA ARG A 12 -5.09 -15.33 -26.79
C ARG A 12 -5.08 -16.29 -27.97
N ARG A 13 -3.92 -16.32 -28.64
CA ARG A 13 -3.73 -17.21 -29.79
C ARG A 13 -3.82 -18.64 -29.33
N GLU A 14 -3.69 -19.60 -30.25
CA GLU A 14 -3.85 -21.00 -29.86
C GLU A 14 -2.63 -21.90 -29.84
N GLY A 15 -1.47 -21.59 -30.41
CA GLY A 15 -0.40 -22.59 -30.31
C GLY A 15 0.69 -22.39 -29.28
N ILE A 16 0.45 -21.53 -28.29
CA ILE A 16 1.40 -21.23 -27.26
C ILE A 16 1.87 -22.47 -26.49
N LYS A 17 3.21 -22.53 -26.35
CA LYS A 17 3.84 -23.60 -25.62
C LYS A 17 5.01 -23.05 -24.80
N TYR A 18 5.21 -23.71 -23.66
CA TYR A 18 6.31 -23.32 -22.76
C TYR A 18 6.71 -24.59 -22.02
N ARG A 19 8.00 -24.81 -21.84
CA ARG A 19 8.52 -25.98 -21.13
C ARG A 19 8.38 -25.74 -19.62
N ARG A 20 8.49 -24.45 -19.32
CA ARG A 20 8.41 -24.07 -17.89
C ARG A 20 7.08 -23.35 -17.74
N ASN A 21 6.03 -24.04 -17.30
CA ASN A 21 4.74 -23.35 -17.16
C ASN A 21 4.68 -22.60 -15.84
N GLU A 22 4.75 -21.27 -16.06
CA GLU A 22 4.83 -20.41 -14.88
C GLU A 22 3.94 -19.21 -14.83
N LEU A 23 3.46 -18.83 -13.63
CA LEU A 23 2.60 -17.64 -13.58
C LEU A 23 2.98 -16.80 -12.37
N PHE A 24 2.80 -15.51 -12.52
CA PHE A 24 3.12 -14.52 -11.50
C PHE A 24 1.96 -13.60 -11.16
N LEU A 25 1.53 -13.62 -9.90
CA LEU A 25 0.40 -12.72 -9.57
C LEU A 25 0.85 -11.55 -8.72
N ASP A 26 0.37 -10.36 -9.10
CA ASP A 26 0.70 -9.13 -8.39
C ASP A 26 -0.53 -8.48 -7.78
N VAL A 27 -0.50 -8.33 -6.45
CA VAL A 27 -1.65 -7.69 -5.78
C VAL A 27 -1.16 -6.27 -5.46
N LEU A 28 -1.59 -5.31 -6.28
CA LEU A 28 -1.11 -3.95 -6.11
C LEU A 28 -2.22 -3.18 -5.42
N GLU A 29 -1.94 -2.51 -4.32
CA GLU A 29 -2.97 -1.77 -3.63
C GLU A 29 -2.46 -0.42 -3.15
N SER A 30 -3.36 0.53 -3.24
CA SER A 30 -3.01 1.89 -2.72
C SER A 30 -3.82 2.08 -1.43
N VAL A 31 -3.20 2.31 -0.27
CA VAL A 31 -4.06 2.48 0.93
C VAL A 31 -4.19 3.95 1.31
N ASN A 32 -5.38 4.49 1.28
CA ASN A 32 -5.64 5.89 1.61
C ASN A 32 -6.34 6.07 2.97
N LEU A 33 -5.91 7.08 3.69
CA LEU A 33 -6.37 7.47 4.99
C LEU A 33 -6.39 8.95 5.35
N LEU A 34 -7.43 9.30 6.08
CA LEU A 34 -7.65 10.64 6.62
C LEU A 34 -7.89 10.41 8.14
N MET A 35 -6.92 10.75 8.97
CA MET A 35 -7.10 10.57 10.41
C MET A 35 -7.09 11.92 11.12
N SER A 36 -7.90 12.03 12.17
CA SER A 36 -8.03 13.20 13.02
C SER A 36 -6.91 13.22 14.05
N PRO A 37 -6.88 14.32 14.81
CA PRO A 37 -5.88 14.51 15.88
C PRO A 37 -6.19 13.56 17.02
N GLN A 38 -7.47 13.27 17.25
CA GLN A 38 -7.93 12.37 18.29
C GLN A 38 -8.03 10.90 17.92
N GLY A 39 -7.23 10.38 16.99
CA GLY A 39 -7.15 9.02 16.50
C GLY A 39 -8.30 8.38 15.77
N GLN A 40 -9.34 9.11 15.39
CA GLN A 40 -10.47 8.55 14.69
C GLN A 40 -10.20 8.59 13.17
N VAL A 41 -10.50 7.47 12.52
CA VAL A 41 -10.33 7.32 11.08
C VAL A 41 -11.44 8.15 10.48
N LEU A 42 -11.19 9.31 9.88
CA LEU A 42 -12.27 10.09 9.29
C LEU A 42 -12.73 9.48 7.97
N SER A 43 -11.76 8.88 7.29
CA SER A 43 -11.99 8.25 6.00
C SER A 43 -10.86 7.30 5.65
N ALA A 44 -11.19 6.19 5.01
CA ALA A 44 -10.17 5.22 4.64
C ALA A 44 -10.67 4.33 3.52
N HIS A 45 -9.74 3.91 2.69
CA HIS A 45 -10.16 3.02 1.60
C HIS A 45 -8.88 2.52 0.91
N VAL A 46 -9.06 1.43 0.21
CA VAL A 46 -8.05 0.76 -0.55
C VAL A 46 -8.59 0.56 -1.98
N SER A 47 -7.67 0.73 -2.90
CA SER A 47 -7.88 0.58 -4.33
C SER A 47 -6.79 -0.46 -4.73
N GLY A 48 -7.29 -1.55 -5.28
CA GLY A 48 -6.34 -2.56 -5.67
C GLY A 48 -6.58 -3.08 -7.09
N ARG A 49 -5.56 -3.79 -7.56
CA ARG A 49 -5.66 -4.40 -8.90
C ARG A 49 -4.80 -5.66 -8.78
N VAL A 50 -5.24 -6.67 -9.50
CA VAL A 50 -4.48 -7.92 -9.54
C VAL A 50 -3.90 -8.05 -10.95
N VAL A 51 -2.59 -8.04 -11.06
CA VAL A 51 -1.97 -8.17 -12.37
C VAL A 51 -1.45 -9.60 -12.55
N MET A 52 -1.85 -10.29 -13.59
CA MET A 52 -1.32 -11.63 -13.80
C MET A 52 -0.27 -11.67 -14.90
N LYS A 53 0.79 -12.41 -14.63
CA LYS A 53 1.89 -12.55 -15.61
C LYS A 53 1.94 -14.06 -15.86
N SER A 54 1.51 -14.61 -16.99
CA SER A 54 1.47 -16.06 -17.08
C SER A 54 2.08 -16.57 -18.35
N TYR A 55 2.85 -17.64 -18.20
CA TYR A 55 3.51 -18.28 -19.33
C TYR A 55 3.10 -19.75 -19.17
N LEU A 56 1.88 -20.01 -19.63
CA LEU A 56 1.24 -21.31 -19.58
C LEU A 56 0.92 -21.89 -20.97
N SER A 57 1.19 -23.19 -21.06
CA SER A 57 0.95 -23.88 -22.32
C SER A 57 -0.53 -24.08 -22.66
N GLY A 58 -0.79 -23.97 -23.96
CA GLY A 58 -2.08 -24.13 -24.55
C GLY A 58 -3.11 -23.02 -24.54
N MET A 59 -4.19 -23.35 -23.84
CA MET A 59 -5.36 -22.52 -23.62
C MET A 59 -5.88 -22.96 -22.23
N PRO A 60 -5.15 -22.58 -21.19
CA PRO A 60 -5.48 -22.95 -19.83
C PRO A 60 -6.71 -22.24 -19.27
N GLU A 61 -7.45 -23.03 -18.51
CA GLU A 61 -8.67 -22.61 -17.85
C GLU A 61 -8.31 -22.44 -16.36
N CYS A 62 -8.13 -21.16 -15.98
CA CYS A 62 -7.71 -20.92 -14.60
C CYS A 62 -8.81 -20.45 -13.68
N LYS A 63 -8.57 -20.75 -12.40
CA LYS A 63 -9.50 -20.39 -11.32
C LYS A 63 -8.76 -19.57 -10.25
N PHE A 64 -9.14 -18.30 -10.13
CA PHE A 64 -8.55 -17.40 -9.15
C PHE A 64 -9.44 -17.35 -7.91
N GLY A 65 -8.90 -17.71 -6.77
CA GLY A 65 -9.60 -17.72 -5.52
C GLY A 65 -8.85 -16.93 -4.47
N MET A 66 -9.59 -16.04 -3.82
CA MET A 66 -9.05 -15.20 -2.75
C MET A 66 -9.99 -15.23 -1.55
N ASN A 67 -9.63 -14.61 -0.44
CA ASN A 67 -10.47 -14.58 0.75
C ASN A 67 -11.66 -13.64 0.68
N ASP A 68 -12.65 -13.97 -0.12
CA ASP A 68 -13.87 -13.27 -0.43
C ASP A 68 -15.20 -13.71 0.15
N LYS A 69 -15.30 -14.40 1.29
CA LYS A 69 -16.66 -14.76 1.78
C LYS A 69 -17.41 -13.43 1.93
N ILE A 70 -16.79 -12.49 2.64
CA ILE A 70 -17.18 -11.14 2.89
C ILE A 70 -17.77 -10.91 4.28
N LYS A 88 -8.36 -16.18 11.45
CA LYS A 88 -8.95 -16.47 10.15
C LYS A 88 -8.75 -15.29 9.20
N GLN A 89 -9.28 -15.41 7.98
CA GLN A 89 -9.12 -14.41 6.93
C GLN A 89 -10.36 -14.35 6.03
N SER A 90 -10.97 -13.16 5.99
CA SER A 90 -12.18 -12.91 5.22
C SER A 90 -12.38 -11.40 5.07
N ILE A 91 -12.41 -10.95 3.83
CA ILE A 91 -12.57 -9.55 3.52
C ILE A 91 -13.74 -9.27 2.59
N ALA A 92 -14.22 -8.04 2.74
CA ALA A 92 -15.32 -7.52 1.94
C ALA A 92 -14.79 -6.61 0.83
N ILE A 93 -15.40 -6.79 -0.32
CA ILE A 93 -15.10 -5.99 -1.50
C ILE A 93 -16.31 -5.11 -1.79
N ASP A 94 -16.16 -3.79 -1.70
CA ASP A 94 -17.28 -2.90 -1.99
C ASP A 94 -17.69 -3.07 -3.45
N ASP A 95 -16.74 -2.95 -4.38
CA ASP A 95 -17.07 -3.13 -5.80
C ASP A 95 -15.84 -3.69 -6.52
N CYS A 96 -15.94 -3.93 -7.82
CA CYS A 96 -14.87 -4.45 -8.62
C CYS A 96 -15.21 -4.72 -10.08
N THR A 97 -14.14 -4.65 -10.90
CA THR A 97 -14.21 -4.86 -12.33
C THR A 97 -13.18 -5.89 -12.78
N PHE A 98 -13.53 -6.60 -13.85
CA PHE A 98 -12.75 -7.63 -14.44
C PHE A 98 -12.36 -7.46 -15.89
N HIS A 99 -11.38 -8.30 -16.23
CA HIS A 99 -10.83 -8.35 -17.58
C HIS A 99 -11.79 -9.19 -18.43
N GLN A 100 -12.08 -8.76 -19.64
CA GLN A 100 -13.00 -9.52 -20.51
C GLN A 100 -12.91 -11.03 -20.47
N CYS A 101 -11.74 -11.61 -20.30
CA CYS A 101 -11.55 -13.04 -20.23
C CYS A 101 -12.25 -13.66 -19.03
N VAL A 102 -12.60 -12.92 -18.01
CA VAL A 102 -13.28 -13.44 -16.84
C VAL A 102 -14.75 -13.72 -17.12
N ARG A 103 -15.10 -14.95 -16.77
CA ARG A 103 -16.49 -15.42 -16.93
C ARG A 103 -17.17 -15.15 -15.62
N LEU A 104 -17.83 -14.02 -15.57
CA LEU A 104 -18.57 -13.42 -14.49
C LEU A 104 -18.97 -14.26 -13.29
N SER A 105 -19.81 -15.26 -13.55
CA SER A 105 -20.31 -16.12 -12.48
C SER A 105 -19.28 -17.19 -12.15
N GLU A 110 -18.02 -20.84 -2.79
CA GLU A 110 -18.30 -19.45 -3.18
C GLU A 110 -18.45 -19.35 -4.70
N ARG A 111 -18.41 -18.15 -5.24
CA ARG A 111 -18.48 -17.93 -6.68
C ARG A 111 -17.15 -17.23 -7.05
N SER A 112 -16.22 -17.98 -7.67
CA SER A 112 -14.97 -17.27 -7.97
C SER A 112 -14.73 -16.99 -9.44
N ILE A 113 -13.59 -16.36 -9.68
CA ILE A 113 -13.18 -15.96 -11.02
C ILE A 113 -12.65 -17.08 -11.88
N SER A 114 -13.16 -17.23 -13.08
CA SER A 114 -12.81 -18.23 -14.06
C SER A 114 -12.49 -17.52 -15.37
N PHE A 115 -11.36 -17.93 -15.94
CA PHE A 115 -10.89 -17.34 -17.18
C PHE A 115 -9.81 -18.19 -17.84
N ILE A 116 -9.52 -17.78 -19.05
CA ILE A 116 -8.55 -18.31 -19.98
C ILE A 116 -7.83 -16.98 -20.23
N PRO A 117 -6.67 -16.87 -19.61
CA PRO A 117 -5.94 -15.63 -19.70
C PRO A 117 -5.09 -15.36 -20.91
N PRO A 118 -4.92 -14.08 -21.20
CA PRO A 118 -4.04 -13.63 -22.25
C PRO A 118 -2.64 -14.13 -21.87
N ASP A 119 -1.68 -14.17 -22.75
CA ASP A 119 -0.35 -14.64 -22.44
C ASP A 119 0.48 -13.46 -22.03
N GLY A 120 1.46 -13.61 -21.13
CA GLY A 120 2.18 -12.39 -20.78
C GLY A 120 1.48 -11.77 -19.58
N GLU A 121 1.57 -10.46 -19.48
CA GLU A 121 1.01 -9.70 -18.38
C GLU A 121 -0.33 -9.05 -18.70
N PHE A 122 -1.29 -9.12 -17.80
CA PHE A 122 -2.59 -8.49 -18.05
C PHE A 122 -3.26 -8.13 -16.71
N GLU A 123 -4.17 -7.15 -16.71
CA GLU A 123 -4.83 -6.78 -15.44
C GLU A 123 -6.02 -7.69 -15.28
N LEU A 124 -6.03 -8.57 -14.30
CA LEU A 124 -7.15 -9.49 -14.15
C LEU A 124 -8.37 -8.79 -13.55
N MET A 125 -8.15 -8.05 -12.45
CA MET A 125 -9.27 -7.37 -11.84
C MET A 125 -8.74 -6.12 -11.14
N ARG A 126 -9.71 -5.29 -10.80
CA ARG A 126 -9.54 -4.02 -10.13
C ARG A 126 -10.60 -3.94 -9.03
N TYR A 127 -10.31 -3.52 -7.81
CA TYR A 127 -11.27 -3.44 -6.75
C TYR A 127 -11.02 -2.39 -5.68
N ARG A 128 -12.08 -2.10 -4.91
CA ARG A 128 -12.04 -1.15 -3.82
C ARG A 128 -12.51 -1.86 -2.53
N THR A 129 -11.97 -1.37 -1.44
CA THR A 129 -12.22 -1.83 -0.08
C THR A 129 -12.28 -0.64 0.84
N THR A 130 -13.10 -0.75 1.89
CA THR A 130 -13.25 0.30 2.89
C THR A 130 -13.30 -0.29 4.29
N LYS A 131 -13.77 -1.52 4.42
CA LYS A 131 -13.95 -2.16 5.71
C LYS A 131 -12.76 -2.94 6.18
N ASP A 132 -12.46 -2.96 7.45
CA ASP A 132 -11.42 -3.63 8.17
C ASP A 132 -10.04 -3.53 7.54
N ILE A 133 -9.72 -2.35 7.04
CA ILE A 133 -8.49 -2.01 6.39
C ILE A 133 -7.32 -1.95 7.37
N ILE A 134 -6.20 -2.59 7.01
CA ILE A 134 -5.07 -2.53 7.91
C ILE A 134 -4.28 -1.26 7.66
N LEU A 135 -4.27 -0.31 8.57
CA LEU A 135 -3.50 0.92 8.43
C LEU A 135 -2.10 0.56 8.86
N PRO A 136 -1.17 0.44 7.91
CA PRO A 136 0.20 0.08 8.19
C PRO A 136 0.92 1.00 9.13
N PHE A 137 0.52 2.27 9.16
CA PHE A 137 1.20 3.20 10.04
C PHE A 137 0.27 4.10 10.84
N ARG A 138 0.73 4.29 12.07
CA ARG A 138 0.01 5.16 12.99
C ARG A 138 1.00 6.34 13.16
N VAL A 139 0.49 7.54 13.00
CA VAL A 139 1.29 8.75 13.14
C VAL A 139 0.80 9.50 14.37
N ILE A 140 1.68 9.73 15.33
CA ILE A 140 1.30 10.47 16.53
C ILE A 140 2.08 11.77 16.62
N PRO A 141 1.44 12.88 16.31
CA PRO A 141 2.01 14.21 16.33
C PRO A 141 1.75 14.98 17.62
N LEU A 142 2.72 15.77 18.04
CA LEU A 142 2.69 16.57 19.24
C LEU A 142 3.36 17.91 18.91
N VAL A 143 2.58 18.99 19.04
CA VAL A 143 3.07 20.30 18.75
C VAL A 143 2.94 21.15 20.01
N ARG A 144 3.92 21.99 20.28
CA ARG A 144 3.91 22.86 21.44
C ARG A 144 4.42 24.24 20.99
N GLU A 145 3.61 25.25 21.28
CA GLU A 145 3.98 26.63 20.92
C GLU A 145 4.85 27.17 22.03
N VAL A 146 5.88 27.90 21.66
CA VAL A 146 6.80 28.51 22.62
C VAL A 146 6.80 30.01 22.33
N GLY A 147 6.02 30.73 23.12
CA GLY A 147 5.91 32.18 22.97
C GLY A 147 5.51 32.47 21.51
N ARG A 148 6.42 33.07 20.76
CA ARG A 148 6.12 33.37 19.37
C ARG A 148 7.38 33.07 18.57
N THR A 149 8.43 32.66 19.27
CA THR A 149 9.70 32.36 18.61
C THR A 149 9.95 30.92 18.23
N LYS A 150 9.33 29.96 18.94
CA LYS A 150 9.53 28.56 18.61
C LYS A 150 8.33 27.64 18.66
N LEU A 151 8.44 26.59 17.84
CA LEU A 151 7.44 25.52 17.77
C LEU A 151 8.25 24.25 18.11
N GLU A 152 7.68 23.44 18.98
CA GLU A 152 8.32 22.18 19.38
C GLU A 152 7.51 21.04 18.82
N VAL A 153 8.07 20.30 17.89
CA VAL A 153 7.37 19.19 17.27
C VAL A 153 8.02 17.84 17.47
N LYS A 154 7.19 16.87 17.86
CA LYS A 154 7.61 15.50 18.06
C LYS A 154 6.60 14.69 17.25
N VAL A 155 7.14 13.87 16.34
CA VAL A 155 6.24 13.05 15.53
C VAL A 155 6.64 11.60 15.76
N VAL A 156 5.74 10.73 16.20
CA VAL A 156 6.16 9.32 16.39
C VAL A 156 5.51 8.49 15.28
N ILE A 157 6.19 7.51 14.71
CA ILE A 157 5.53 6.68 13.69
C ILE A 157 5.58 5.27 14.26
N LYS A 158 4.53 4.51 14.20
CA LYS A 158 4.48 3.13 14.69
C LYS A 158 4.10 2.17 13.58
N SER A 159 4.87 1.14 13.30
CA SER A 159 4.43 0.24 12.22
C SER A 159 3.51 -0.85 12.69
N ASN A 160 2.28 -0.90 12.21
CA ASN A 160 1.25 -1.88 12.56
C ASN A 160 1.22 -3.11 11.68
N PHE A 161 2.22 -3.97 11.72
CA PHE A 161 2.17 -5.17 10.88
C PHE A 161 3.14 -6.22 11.36
N LYS A 162 3.08 -7.40 10.73
CA LYS A 162 3.94 -8.49 11.15
C LYS A 162 5.37 -8.01 11.27
N PRO A 163 6.05 -8.38 12.34
CA PRO A 163 7.43 -8.02 12.59
C PRO A 163 8.42 -8.63 11.63
N SER A 164 8.03 -9.67 10.88
CA SER A 164 8.97 -10.30 9.95
C SER A 164 8.96 -9.57 8.61
N LEU A 165 7.98 -8.69 8.43
CA LEU A 165 7.77 -7.89 7.26
C LEU A 165 8.37 -6.49 7.42
N LEU A 166 9.07 -6.06 6.39
CA LEU A 166 9.70 -4.75 6.35
C LEU A 166 8.98 -3.72 5.50
N ALA A 167 8.75 -2.51 6.02
CA ALA A 167 8.17 -1.50 5.13
C ALA A 167 9.38 -0.88 4.42
N GLN A 168 9.18 -0.35 3.25
CA GLN A 168 10.35 0.26 2.58
C GLN A 168 9.91 1.62 2.06
N LYS A 169 10.88 2.46 1.72
CA LYS A 169 10.68 3.80 1.20
C LYS A 169 9.75 4.64 2.09
N ILE A 170 10.06 4.71 3.39
CA ILE A 170 9.16 5.49 4.24
C ILE A 170 9.53 6.96 4.29
N GLU A 171 8.51 7.80 4.16
CA GLU A 171 8.64 9.24 4.22
C GLU A 171 7.55 9.86 5.10
N VAL A 172 7.98 10.74 6.00
CA VAL A 172 7.04 11.41 6.91
C VAL A 172 7.16 12.88 6.52
N ARG A 173 6.06 13.47 6.20
CA ARG A 173 6.17 14.91 5.76
C ARG A 173 5.50 15.82 6.77
N ILE A 174 6.25 16.66 7.44
CA ILE A 174 5.70 17.56 8.47
C ILE A 174 5.78 19.00 7.97
N PRO A 175 4.63 19.60 7.81
CA PRO A 175 4.53 20.97 7.32
C PRO A 175 4.97 21.99 8.32
N THR A 176 5.66 23.02 7.87
CA THR A 176 6.09 24.11 8.74
C THR A 176 5.39 25.39 8.27
N PRO A 177 5.11 26.30 9.19
CA PRO A 177 4.48 27.57 8.91
C PRO A 177 5.32 28.37 7.94
N LEU A 178 4.72 29.38 7.34
CA LEU A 178 5.30 30.27 6.34
C LEU A 178 6.39 31.14 6.97
N ASN A 179 6.17 31.52 8.23
CA ASN A 179 7.13 32.35 8.96
C ASN A 179 8.27 31.60 9.65
N THR A 180 8.73 30.51 9.08
CA THR A 180 9.80 29.70 9.57
C THR A 180 11.15 30.26 9.16
N SER A 181 11.94 30.72 10.14
CA SER A 181 13.25 31.23 9.77
C SER A 181 14.27 30.10 9.72
N GLY A 182 14.01 28.96 10.33
CA GLY A 182 14.96 27.86 10.31
C GLY A 182 14.41 26.69 11.12
N VAL A 183 14.97 25.51 10.86
CA VAL A 183 14.56 24.29 11.51
C VAL A 183 15.66 23.37 12.01
N GLN A 184 15.50 22.91 13.27
CA GLN A 184 16.48 21.99 13.85
C GLN A 184 15.75 20.65 14.04
N VAL A 185 16.34 19.53 13.57
CA VAL A 185 15.72 18.24 13.77
C VAL A 185 16.68 17.18 14.36
N ILE A 186 16.07 16.27 15.14
CA ILE A 186 16.86 15.20 15.70
C ILE A 186 16.04 13.92 15.39
N CYS A 187 16.75 13.00 14.75
CA CYS A 187 16.07 11.72 14.43
C CYS A 187 17.08 10.59 14.48
N MET A 188 16.86 9.69 15.42
CA MET A 188 17.73 8.53 15.61
C MET A 188 17.63 7.59 14.43
N LYS A 189 16.52 7.48 13.73
CA LYS A 189 16.41 6.60 12.59
C LYS A 189 16.23 7.46 11.33
N GLY A 190 16.74 7.01 10.21
CA GLY A 190 16.67 7.64 8.92
C GLY A 190 17.35 8.98 8.85
N LYS A 191 16.99 9.73 7.82
CA LYS A 191 17.47 11.08 7.54
C LYS A 191 16.28 12.00 7.28
N ALA A 192 16.37 13.24 7.71
CA ALA A 192 15.35 14.25 7.56
C ALA A 192 15.94 15.56 7.07
N LYS A 193 15.27 16.25 6.17
CA LYS A 193 15.73 17.51 5.66
C LYS A 193 14.62 18.57 5.73
N TYR A 194 15.04 19.76 6.14
CA TYR A 194 14.08 20.86 6.18
C TYR A 194 14.04 21.37 4.73
N LYS A 195 12.86 21.49 4.18
CA LYS A 195 12.76 21.97 2.80
C LYS A 195 12.03 23.30 2.79
N ALA A 196 12.78 24.41 2.77
CA ALA A 196 12.21 25.75 2.76
C ALA A 196 11.19 25.96 1.64
N SER A 197 11.61 25.62 0.45
CA SER A 197 10.85 25.70 -0.79
C SER A 197 9.50 25.05 -0.52
N GLU A 198 9.44 23.77 -0.21
CA GLU A 198 8.21 23.05 0.06
C GLU A 198 7.53 23.32 1.39
N ASN A 199 8.12 24.11 2.26
CA ASN A 199 7.59 24.45 3.56
C ASN A 199 7.39 23.20 4.41
N ALA A 200 8.41 22.33 4.44
CA ALA A 200 8.22 21.13 5.24
C ALA A 200 9.44 20.35 5.60
N ILE A 201 9.22 19.53 6.64
CA ILE A 201 10.31 18.66 7.10
C ILE A 201 9.97 17.29 6.50
N VAL A 202 10.92 16.74 5.77
CA VAL A 202 10.78 15.46 5.10
C VAL A 202 11.73 14.48 5.77
N TRP A 203 11.13 13.47 6.42
CA TRP A 203 11.96 12.48 7.13
C TRP A 203 11.87 11.23 6.28
N LYS A 204 13.03 10.71 5.89
CA LYS A 204 13.09 9.53 5.06
C LYS A 204 13.76 8.34 5.74
N ILE A 205 13.13 7.19 5.65
CA ILE A 205 13.58 5.97 6.24
C ILE A 205 13.50 4.85 5.20
N LYS A 206 14.66 4.22 4.98
CA LYS A 206 14.80 3.16 4.02
C LYS A 206 13.93 1.97 4.33
N ARG A 207 14.01 1.44 5.54
CA ARG A 207 13.14 0.29 5.84
C ARG A 207 12.78 0.32 7.33
N MET A 208 11.68 -0.35 7.64
CA MET A 208 11.23 -0.43 9.02
C MET A 208 10.35 -1.67 9.20
N ALA A 209 10.73 -2.48 10.18
CA ALA A 209 10.03 -3.70 10.52
C ALA A 209 8.71 -3.40 11.22
N GLY A 210 7.82 -4.39 11.10
CA GLY A 210 6.49 -4.33 11.69
C GLY A 210 6.57 -4.26 13.19
N MET A 211 5.51 -3.74 13.79
CA MET A 211 5.46 -3.62 15.24
C MET A 211 6.64 -2.82 15.76
N LYS A 212 6.95 -1.66 15.23
CA LYS A 212 8.11 -0.91 15.73
C LYS A 212 7.70 0.55 15.97
N GLU A 213 8.58 1.32 16.57
CA GLU A 213 8.33 2.72 16.86
C GLU A 213 9.55 3.55 16.45
N SER A 214 9.24 4.80 16.08
CA SER A 214 10.31 5.70 15.67
C SER A 214 9.83 7.11 15.89
N GLN A 215 10.82 7.98 16.15
CA GLN A 215 10.38 9.36 16.37
C GLN A 215 11.43 10.34 15.82
N ILE A 216 10.84 11.52 15.62
CA ILE A 216 11.61 12.62 15.09
C ILE A 216 11.25 13.82 15.95
N SER A 217 12.23 14.61 16.31
CA SER A 217 11.99 15.81 17.09
C SER A 217 12.43 16.97 16.19
N ALA A 218 11.72 18.08 16.30
CA ALA A 218 12.15 19.20 15.46
C ALA A 218 11.80 20.49 16.18
N GLU A 219 12.70 21.45 16.06
CA GLU A 219 12.44 22.73 16.70
C GLU A 219 12.31 23.70 15.52
N ILE A 220 11.18 24.35 15.45
CA ILE A 220 10.96 25.29 14.33
C ILE A 220 11.14 26.71 14.82
N GLU A 221 12.15 27.36 14.24
CA GLU A 221 12.42 28.76 14.61
C GLU A 221 11.54 29.68 13.78
N LEU A 222 10.73 30.51 14.48
CA LEU A 222 9.81 31.40 13.81
C LEU A 222 10.05 32.91 13.75
N LEU A 223 9.81 33.47 12.58
CA LEU A 223 9.88 34.91 12.33
C LEU A 223 8.63 35.63 12.81
N PRO A 224 8.72 36.93 13.00
CA PRO A 224 7.56 37.74 13.42
C PRO A 224 6.51 37.68 12.33
N THR A 225 5.24 37.73 12.71
CA THR A 225 4.20 37.66 11.67
C THR A 225 2.94 38.40 12.09
N ASN A 226 2.03 38.57 11.14
CA ASN A 226 0.80 39.28 11.52
C ASN A 226 0.07 38.44 12.55
N ASP A 227 0.12 38.97 13.78
CA ASP A 227 -0.51 38.33 14.92
C ASP A 227 -1.90 37.79 14.64
N LYS A 228 -2.83 38.59 14.15
CA LYS A 228 -4.19 38.20 13.84
C LYS A 228 -4.38 36.90 13.09
N LYS A 229 -3.79 36.67 11.92
CA LYS A 229 -3.96 35.42 11.19
C LYS A 229 -3.20 34.23 11.74
N LYS A 230 -3.88 33.30 12.42
CA LYS A 230 -3.21 32.14 12.99
C LYS A 230 -2.74 31.13 11.94
N TRP A 231 -2.03 30.07 12.38
CA TRP A 231 -1.55 29.09 11.41
C TRP A 231 -2.53 27.92 11.31
N ALA A 232 -2.94 27.65 10.08
CA ALA A 232 -3.86 26.52 9.85
C ALA A 232 -2.96 25.32 9.53
N ARG A 233 -2.64 24.54 10.55
CA ARG A 233 -1.76 23.40 10.41
C ARG A 233 -2.20 22.24 9.52
N PRO A 234 -1.57 22.12 8.36
CA PRO A 234 -1.85 21.04 7.43
C PRO A 234 -1.49 19.71 8.08
N PRO A 235 -2.05 18.63 7.56
CA PRO A 235 -1.80 17.30 8.13
C PRO A 235 -0.41 16.79 7.89
N ILE A 236 0.00 15.87 8.75
CA ILE A 236 1.35 15.27 8.59
C ILE A 236 1.06 14.18 7.55
N SER A 237 1.85 13.95 6.55
CA SER A 237 1.52 12.90 5.59
C SER A 237 2.66 11.89 5.42
N MET A 238 2.30 10.67 5.04
CA MET A 238 3.35 9.65 4.86
C MET A 238 3.36 9.02 3.49
N ASN A 239 4.47 8.42 3.14
CA ASN A 239 4.64 7.72 1.87
C ASN A 239 5.31 6.43 2.38
N PHE A 240 4.88 5.28 1.88
CA PHE A 240 5.59 4.08 2.32
C PHE A 240 5.22 3.00 1.31
N GLU A 241 5.95 1.91 1.38
CA GLU A 241 5.55 0.76 0.54
C GLU A 241 5.64 -0.47 1.43
N VAL A 242 4.62 -1.29 1.56
CA VAL A 242 4.64 -2.51 2.40
C VAL A 242 4.46 -3.74 1.53
N PRO A 243 4.91 -4.90 1.95
CA PRO A 243 4.81 -6.14 1.20
C PRO A 243 3.57 -6.95 1.43
N PHE A 244 2.44 -6.35 1.82
CA PHE A 244 1.23 -7.18 2.03
C PHE A 244 0.10 -6.31 1.51
N ALA A 245 -1.10 -6.77 1.33
CA ALA A 245 -2.22 -5.97 0.89
C ALA A 245 -2.94 -5.40 2.08
N PRO A 246 -2.94 -4.09 2.27
CA PRO A 246 -3.63 -3.40 3.37
C PRO A 246 -5.09 -3.74 3.47
N SER A 247 -5.78 -4.19 2.44
CA SER A 247 -7.16 -4.55 2.41
C SER A 247 -7.35 -5.87 3.14
N GLY A 248 -6.30 -6.66 3.26
CA GLY A 248 -6.32 -7.95 3.90
C GLY A 248 -6.48 -9.04 2.84
N LEU A 249 -6.62 -8.69 1.57
CA LEU A 249 -6.76 -9.68 0.52
C LEU A 249 -5.58 -10.64 0.51
N LYS A 250 -5.92 -11.90 0.18
CA LYS A 250 -4.92 -12.95 0.10
C LYS A 250 -5.26 -13.90 -1.02
N VAL A 251 -4.22 -14.31 -1.76
CA VAL A 251 -4.45 -15.25 -2.86
C VAL A 251 -4.44 -16.64 -2.26
N ARG A 252 -5.52 -17.38 -2.49
CA ARG A 252 -5.63 -18.75 -2.00
C ARG A 252 -5.06 -19.72 -3.02
N TYR A 253 -5.54 -19.62 -4.25
CA TYR A 253 -5.09 -20.55 -5.28
C TYR A 253 -5.28 -19.90 -6.63
N LEU A 254 -4.65 -20.51 -7.62
CA LEU A 254 -4.76 -20.09 -9.01
C LEU A 254 -4.55 -21.42 -9.74
N LYS A 255 -5.71 -22.03 -9.88
CA LYS A 255 -5.86 -23.35 -10.48
C LYS A 255 -5.75 -23.33 -11.99
N VAL A 256 -4.86 -24.14 -12.52
CA VAL A 256 -4.72 -24.17 -13.98
C VAL A 256 -5.20 -25.52 -14.49
N PHE A 257 -5.99 -25.49 -15.56
CA PHE A 257 -6.52 -26.71 -16.15
C PHE A 257 -6.37 -26.60 -17.66
N GLU A 258 -5.76 -27.58 -18.29
CA GLU A 258 -5.65 -27.58 -19.76
C GLU A 258 -6.06 -29.03 -20.06
N PRO A 259 -7.21 -29.18 -20.69
CA PRO A 259 -7.77 -30.49 -20.99
C PRO A 259 -6.96 -31.22 -22.05
N LYS A 260 -6.60 -30.58 -23.14
CA LYS A 260 -5.81 -31.18 -24.21
C LYS A 260 -4.40 -31.60 -23.80
N LEU A 261 -3.51 -30.63 -23.56
CA LEU A 261 -2.11 -30.82 -23.18
C LEU A 261 -1.90 -31.57 -21.89
N ASN A 262 -0.76 -32.24 -21.82
CA ASN A 262 -0.38 -33.06 -20.70
C ASN A 262 0.38 -32.50 -19.52
N TYR A 263 -0.01 -31.31 -19.10
CA TYR A 263 0.52 -30.71 -17.89
C TYR A 263 -0.75 -30.46 -17.03
N SER A 264 -0.60 -30.70 -15.74
CA SER A 264 -1.68 -30.50 -14.82
C SER A 264 -1.30 -29.30 -13.91
N ASP A 265 -2.26 -28.82 -13.16
CA ASP A 265 -2.17 -27.71 -12.24
C ASP A 265 -0.92 -27.74 -11.38
N HIS A 266 -0.46 -28.88 -10.89
CA HIS A 266 0.72 -28.97 -10.04
C HIS A 266 2.01 -28.96 -10.82
N ASP A 267 1.97 -28.83 -12.13
CA ASP A 267 3.19 -28.80 -12.92
C ASP A 267 3.53 -27.31 -13.01
N VAL A 268 2.51 -26.47 -12.84
CA VAL A 268 2.66 -25.04 -12.92
C VAL A 268 3.45 -24.47 -11.73
N ILE A 269 4.36 -23.54 -12.02
CA ILE A 269 5.14 -22.88 -10.98
C ILE A 269 4.43 -21.56 -10.70
N LYS A 270 3.89 -21.38 -9.52
CA LYS A 270 3.12 -20.18 -9.18
C LYS A 270 3.68 -19.25 -8.12
N TRP A 271 3.65 -17.95 -8.43
CA TRP A 271 4.19 -16.97 -7.49
C TRP A 271 3.24 -15.82 -7.24
N VAL A 272 3.22 -15.33 -6.00
CA VAL A 272 2.37 -14.18 -5.67
C VAL A 272 3.20 -13.11 -4.98
N ARG A 273 2.86 -11.85 -5.15
CA ARG A 273 3.59 -10.81 -4.42
C ARG A 273 2.58 -9.73 -4.10
N TYR A 274 2.82 -9.07 -2.97
CA TYR A 274 1.88 -8.01 -2.60
C TYR A 274 2.65 -6.72 -2.47
N ILE A 275 2.20 -5.65 -3.08
CA ILE A 275 2.92 -4.35 -3.05
C ILE A 275 1.87 -3.36 -2.58
N GLY A 276 1.91 -3.07 -1.28
CA GLY A 276 0.84 -2.14 -0.82
C GLY A 276 1.55 -0.79 -0.73
N ARG A 277 0.88 0.24 -1.19
CA ARG A 277 1.57 1.55 -1.12
C ARG A 277 0.60 2.61 -0.62
N SER A 278 1.15 3.67 -0.05
CA SER A 278 0.26 4.74 0.40
C SER A 278 -0.27 5.53 -0.79
N GLY A 279 -1.45 6.05 -0.65
CA GLY A 279 -2.15 6.88 -1.64
C GLY A 279 -2.15 8.20 -0.80
N ILE A 280 -3.31 8.69 -0.49
CA ILE A 280 -3.37 9.87 0.36
C ILE A 280 -3.38 9.28 1.77
N TYR A 281 -2.44 9.52 2.62
CA TYR A 281 -2.35 9.01 3.97
C TYR A 281 -1.95 10.15 4.92
N GLU A 282 -3.02 10.88 5.30
CA GLU A 282 -2.83 12.02 6.19
C GLU A 282 -3.28 11.96 7.62
N THR A 283 -2.50 12.61 8.45
CA THR A 283 -2.82 12.66 9.88
C THR A 283 -2.92 14.13 10.28
N ARG A 284 -4.18 14.48 10.60
CA ARG A 284 -4.49 15.84 10.99
C ARG A 284 -3.90 16.08 12.38
N CYS A 285 -3.15 17.19 12.46
CA CYS A 285 -2.60 17.55 13.76
C CYS A 285 -3.32 18.77 14.34
N ASP B 1 8.27 -9.19 -2.04
CA ASP B 1 8.89 -9.98 -3.14
C ASP B 1 7.96 -11.14 -3.52
N TYR B 2 8.27 -11.89 -4.55
CA TYR B 2 7.43 -13.02 -4.96
C TYR B 2 7.61 -14.23 -4.08
N GLN B 3 6.50 -14.87 -3.78
CA GLN B 3 6.51 -16.08 -2.95
C GLN B 3 5.72 -17.15 -3.70
N ARG B 4 6.17 -18.40 -3.44
CA ARG B 4 5.51 -19.52 -4.11
C ARG B 4 4.05 -19.54 -3.70
N LEU B 5 3.17 -19.67 -4.68
CA LEU B 5 1.76 -19.70 -4.30
C LEU B 5 1.48 -21.14 -3.87
N ASN B 6 1.03 -21.24 -2.63
CA ASN B 6 0.67 -22.48 -1.97
C ASN B 6 1.32 -23.70 -2.61
#